data_5Z6N
#
_entry.id   5Z6N
#
_cell.length_a   60.149
_cell.length_b   40.905
_cell.length_c   84.648
_cell.angle_alpha   90.00
_cell.angle_beta   108.30
_cell.angle_gamma   90.00
#
_symmetry.space_group_name_H-M   'P 1 21 1'
#
loop_
_entity.id
_entity.type
_entity.pdbx_description
1 polymer 'Protein ElaA'
2 water water
#
_entity_poly.entity_id   1
_entity_poly.type   'polypeptide(L)'
_entity_poly.pdbx_seq_one_letter_code
;MIEWQDLHHSELSVSQLYALLQLRCAVFVVEQNCPYQDIDGDDLTGDNRHILGWKNDELVAYARILKSDDDLEPVVIGRV
IVSEALRGEKVGQQLMSKTLETCTHHWPDKPVYLGAQAHLQNFYQSFGFIPVTEVYEEDGIPHIGMAREVIQA
;
_entity_poly.pdbx_strand_id   A,B
#
# COMPACT_ATOMS: atom_id res chain seq x y z
N ILE A 2 11.72 -14.96 16.41
CA ILE A 2 10.43 -14.99 15.69
C ILE A 2 9.26 -14.69 16.59
N GLU A 3 8.94 -13.43 16.73
CA GLU A 3 7.82 -13.08 17.54
C GLU A 3 6.65 -13.09 16.66
N TRP A 4 5.59 -13.68 17.11
CA TRP A 4 4.33 -13.70 16.37
C TRP A 4 3.29 -12.82 17.06
N GLN A 5 2.48 -12.14 16.25
CA GLN A 5 1.38 -11.32 16.72
C GLN A 5 0.08 -11.79 16.06
N ASP A 6 -1.02 -11.58 16.77
CA ASP A 6 -2.36 -11.99 16.30
C ASP A 6 -3.26 -10.84 16.75
N LEU A 7 -3.62 -9.99 15.80
CA LEU A 7 -4.27 -8.71 16.10
C LEU A 7 -5.55 -8.60 15.28
N HIS A 8 -6.67 -8.44 15.97
CA HIS A 8 -7.84 -7.78 15.39
C HIS A 8 -7.38 -6.46 14.76
N HIS A 9 -8.06 -6.06 13.69
CA HIS A 9 -7.61 -4.89 12.93
C HIS A 9 -7.54 -3.63 13.78
N SER A 10 -8.30 -3.55 14.87
CA SER A 10 -8.26 -2.38 15.74
C SER A 10 -6.96 -2.25 16.51
N GLU A 11 -6.15 -3.30 16.56
CA GLU A 11 -4.89 -3.30 17.31
C GLU A 11 -3.68 -2.99 16.44
N LEU A 12 -3.88 -2.75 15.14
CA LEU A 12 -2.78 -2.39 14.26
C LEU A 12 -2.33 -0.97 14.53
N SER A 13 -1.08 -0.80 14.92
CA SER A 13 -0.51 0.53 14.99
C SER A 13 -0.26 1.06 13.59
N VAL A 14 0.16 2.32 13.51
CA VAL A 14 0.49 2.91 12.21
C VAL A 14 1.66 2.18 11.57
N SER A 15 2.64 1.76 12.39
CA SER A 15 3.80 1.07 11.84
C SER A 15 3.46 -0.37 11.43
N GLN A 16 2.64 -1.06 12.22
CA GLN A 16 2.24 -2.40 11.82
C GLN A 16 1.39 -2.40 10.56
N LEU A 17 0.63 -1.33 10.32
CA LEU A 17 -0.20 -1.23 9.12
C LEU A 17 0.66 -1.01 7.87
N TYR A 18 1.62 -0.08 7.97
CA TYR A 18 2.53 0.19 6.86
C TYR A 18 3.33 -1.06 6.48
N ALA A 19 3.78 -1.81 7.49
CA ALA A 19 4.69 -2.92 7.23
C ALA A 19 4.02 -4.07 6.48
N LEU A 20 2.78 -4.42 6.86
CA LEU A 20 2.13 -5.56 6.22
C LEU A 20 1.70 -5.22 4.79
N LEU A 21 1.27 -3.98 4.55
CA LEU A 21 1.03 -3.52 3.18
C LEU A 21 2.33 -3.48 2.38
N GLN A 22 3.42 -3.01 3.00
CA GLN A 22 4.71 -2.93 2.33
C GLN A 22 5.17 -4.30 1.86
N LEU A 23 5.06 -5.30 2.73
CA LEU A 23 5.41 -6.68 2.34
C LEU A 23 4.42 -7.23 1.34
N ARG A 24 3.13 -6.89 1.47
CA ARG A 24 2.12 -7.37 0.53
C ARG A 24 2.37 -6.80 -0.87
N CYS A 25 2.64 -5.50 -0.95
CA CYS A 25 3.05 -4.91 -2.22
C CYS A 25 4.30 -5.60 -2.75
N ALA A 26 5.26 -5.86 -1.86
CA ALA A 26 6.53 -6.44 -2.27
C ALA A 26 6.38 -7.89 -2.72
N VAL A 27 5.33 -8.57 -2.30
CA VAL A 27 5.18 -9.96 -2.72
C VAL A 27 4.20 -10.04 -3.90
N PHE A 28 2.96 -9.60 -3.69
CA PHE A 28 1.91 -9.92 -4.65
C PHE A 28 1.88 -9.01 -5.86
N VAL A 29 2.53 -7.85 -5.81
CA VAL A 29 2.46 -6.89 -6.91
C VAL A 29 3.77 -6.64 -7.64
N VAL A 30 4.90 -6.61 -6.93
CA VAL A 30 6.15 -6.32 -7.64
C VAL A 30 6.74 -7.69 -7.99
N GLU A 31 6.83 -8.62 -7.03
CA GLU A 31 7.49 -9.89 -7.28
C GLU A 31 6.71 -10.74 -8.29
N GLN A 32 5.43 -10.98 -8.01
CA GLN A 32 4.54 -11.73 -8.90
C GLN A 32 4.06 -10.94 -10.11
N ASN A 33 4.62 -9.75 -10.32
CA ASN A 33 4.41 -8.90 -11.49
C ASN A 33 2.96 -8.55 -11.82
N CYS A 34 2.12 -8.48 -10.79
CA CYS A 34 0.69 -8.23 -10.97
C CYS A 34 0.22 -6.86 -10.49
N PRO A 35 -0.23 -6.01 -11.36
CA PRO A 35 -0.64 -4.66 -10.96
C PRO A 35 -2.12 -4.62 -10.57
N TYR A 36 -2.40 -5.12 -9.38
CA TYR A 36 -3.76 -5.20 -8.86
C TYR A 36 -3.88 -4.36 -7.60
N GLN A 37 -5.11 -4.27 -7.09
CA GLN A 37 -5.44 -3.45 -5.92
C GLN A 37 -5.31 -4.32 -4.68
N ASP A 38 -4.09 -4.38 -4.13
CA ASP A 38 -3.88 -5.17 -2.91
C ASP A 38 -4.58 -4.52 -1.72
N ILE A 39 -4.51 -3.20 -1.61
CA ILE A 39 -5.15 -2.47 -0.54
C ILE A 39 -6.60 -2.38 -1.00
N ASP A 40 -7.42 -3.33 -0.55
CA ASP A 40 -8.70 -3.65 -1.18
C ASP A 40 -9.87 -3.31 -0.26
N GLY A 41 -9.61 -2.72 0.90
CA GLY A 41 -10.69 -2.35 1.79
C GLY A 41 -11.21 -3.47 2.68
N ASP A 42 -10.46 -4.57 2.82
CA ASP A 42 -10.86 -5.69 3.66
C ASP A 42 -10.07 -5.77 4.95
N ASP A 43 -9.12 -4.85 5.18
CA ASP A 43 -8.18 -5.01 6.28
C ASP A 43 -8.71 -4.48 7.61
N LEU A 44 -9.50 -3.41 7.59
CA LEU A 44 -9.89 -2.75 8.82
C LEU A 44 -11.40 -2.70 8.98
N THR A 45 -12.03 -3.88 9.05
CA THR A 45 -13.47 -3.96 9.19
C THR A 45 -13.84 -5.27 9.85
N GLY A 46 -14.98 -5.27 10.53
CA GLY A 46 -15.48 -6.48 11.14
C GLY A 46 -14.53 -7.05 12.17
N ASP A 47 -14.59 -8.38 12.35
CA ASP A 47 -13.70 -9.10 13.25
C ASP A 47 -12.40 -9.52 12.58
N ASN A 48 -12.08 -8.94 11.42
CA ASN A 48 -10.95 -9.42 10.64
C ASN A 48 -9.64 -9.12 11.36
N ARG A 49 -8.72 -10.08 11.31
CA ARG A 49 -7.49 -10.02 12.10
C ARG A 49 -6.30 -10.27 11.20
N HIS A 50 -5.14 -9.82 11.64
CA HIS A 50 -3.89 -9.99 10.93
C HIS A 50 -2.91 -10.75 11.80
N ILE A 51 -2.25 -11.75 11.23
CA ILE A 51 -1.27 -12.54 11.94
C ILE A 51 0.10 -12.18 11.39
N LEU A 52 0.98 -11.73 12.28
CA LEU A 52 2.29 -11.21 11.90
C LEU A 52 3.36 -12.08 12.52
N GLY A 53 4.43 -12.31 11.76
CA GLY A 53 5.62 -12.93 12.30
C GLY A 53 6.77 -11.94 12.21
N TRP A 54 7.41 -11.65 13.34
CA TRP A 54 8.44 -10.62 13.39
C TRP A 54 9.82 -11.25 13.63
N LYS A 55 10.82 -10.63 13.03
CA LYS A 55 12.22 -11.00 13.28
C LYS A 55 12.90 -9.65 13.07
N ASN A 56 13.59 -9.17 14.11
CA ASN A 56 14.36 -7.93 14.06
C ASN A 56 13.78 -6.68 13.39
N ASP A 57 12.58 -6.34 13.79
CA ASP A 57 11.91 -5.14 13.28
C ASP A 57 11.66 -5.21 11.77
N GLU A 58 11.31 -6.41 11.31
CA GLU A 58 11.18 -6.75 9.91
C GLU A 58 10.16 -7.80 9.80
N LEU A 59 9.05 -7.47 9.15
CA LEU A 59 7.95 -8.41 8.94
C LEU A 59 8.38 -9.49 7.95
N VAL A 60 8.23 -10.75 8.34
CA VAL A 60 8.77 -11.83 7.52
C VAL A 60 7.73 -12.93 7.29
N ALA A 61 6.62 -12.88 8.01
CA ALA A 61 5.52 -13.82 7.80
C ALA A 61 4.19 -13.10 8.00
N TYR A 62 3.24 -13.32 7.10
CA TYR A 62 1.98 -12.60 7.16
C TYR A 62 0.84 -13.46 6.63
N ALA A 63 -0.32 -13.31 7.27
CA ALA A 63 -1.57 -13.84 6.75
C ALA A 63 -2.72 -12.97 7.27
N ARG A 64 -3.85 -13.05 6.58
CA ARG A 64 -5.04 -12.26 6.85
C ARG A 64 -6.23 -13.19 7.06
N ILE A 65 -7.17 -12.77 7.91
CA ILE A 65 -8.35 -13.55 8.22
C ILE A 65 -9.58 -12.66 8.06
N LEU A 66 -10.49 -13.03 7.17
CA LEU A 66 -11.69 -12.25 6.90
C LEU A 66 -12.92 -12.95 7.45
N LYS A 67 -13.89 -12.18 7.93
CA LYS A 67 -15.11 -12.67 8.53
C LYS A 67 -16.30 -12.29 7.68
N SER A 68 -17.49 -12.71 8.08
CA SER A 68 -18.73 -12.60 7.29
C SER A 68 -18.50 -12.72 5.81
N LEU A 72 -22.48 -15.95 8.50
CA LEU A 72 -23.25 -16.92 7.76
C LEU A 72 -22.43 -17.67 6.72
N GLU A 73 -21.36 -17.03 6.29
CA GLU A 73 -20.42 -17.54 5.31
C GLU A 73 -19.08 -17.86 5.98
N PRO A 74 -18.23 -18.65 5.36
CA PRO A 74 -17.05 -19.19 6.06
C PRO A 74 -15.93 -18.21 6.38
N VAL A 75 -15.02 -18.66 7.24
CA VAL A 75 -13.83 -17.88 7.56
C VAL A 75 -12.84 -18.05 6.42
N VAL A 76 -12.20 -16.94 6.04
CA VAL A 76 -11.36 -16.89 4.85
C VAL A 76 -9.91 -16.67 5.26
N ILE A 77 -8.99 -17.40 4.61
CA ILE A 77 -7.57 -17.16 4.74
C ILE A 77 -7.04 -16.63 3.41
N GLY A 78 -6.25 -15.57 3.47
CA GLY A 78 -5.65 -14.99 2.28
C GLY A 78 -4.42 -14.20 2.65
N ARG A 79 -3.73 -13.73 1.60
CA ARG A 79 -2.53 -12.91 1.74
C ARG A 79 -1.36 -13.66 2.38
N VAL A 80 -1.29 -14.97 2.18
CA VAL A 80 -0.29 -15.78 2.88
C VAL A 80 1.08 -15.48 2.29
N ILE A 81 2.01 -15.07 3.16
CA ILE A 81 3.31 -14.59 2.73
C ILE A 81 4.41 -15.21 3.59
N VAL A 82 5.47 -15.64 2.94
CA VAL A 82 6.78 -15.84 3.57
C VAL A 82 7.77 -14.99 2.78
N SER A 83 8.43 -14.04 3.45
CA SER A 83 9.40 -13.21 2.76
C SER A 83 10.51 -14.07 2.16
N GLU A 84 11.11 -13.60 1.06
CA GLU A 84 12.02 -14.47 0.29
C GLU A 84 13.26 -14.86 1.09
N ALA A 85 13.72 -13.97 1.97
CA ALA A 85 14.89 -14.31 2.77
C ALA A 85 14.69 -15.58 3.58
N LEU A 86 13.45 -15.87 3.98
CA LEU A 86 13.16 -16.98 4.87
C LEU A 86 12.37 -18.11 4.21
N ARG A 87 12.30 -18.16 2.88
CA ARG A 87 11.50 -19.18 2.24
C ARG A 87 12.22 -20.52 2.19
N GLY A 88 11.43 -21.60 2.11
CA GLY A 88 11.96 -22.92 1.89
C GLY A 88 12.32 -23.73 3.12
N GLU A 89 12.02 -23.24 4.33
CA GLU A 89 12.33 -23.98 5.54
C GLU A 89 11.36 -23.68 6.69
N LYS A 90 10.16 -24.28 6.66
CA LYS A 90 9.29 -24.39 7.82
C LYS A 90 8.55 -23.13 8.27
N VAL A 91 8.84 -21.97 7.66
CA VAL A 91 8.20 -20.75 8.13
C VAL A 91 6.74 -20.78 7.66
N GLY A 92 6.52 -21.22 6.43
CA GLY A 92 5.16 -21.23 5.90
C GLY A 92 4.26 -22.23 6.60
N GLN A 93 4.76 -23.45 6.83
CA GLN A 93 3.92 -24.51 7.41
C GLN A 93 3.35 -24.10 8.76
N GLN A 94 4.06 -23.24 9.48
CA GLN A 94 3.70 -22.90 10.86
C GLN A 94 3.00 -21.54 10.98
N LEU A 95 3.15 -20.68 9.99
CA LEU A 95 2.29 -19.50 9.88
C LEU A 95 0.84 -19.90 9.89
N MET A 96 0.42 -20.70 8.89
CA MET A 96 -0.89 -21.35 8.96
C MET A 96 -0.75 -22.55 9.88
N SER A 97 -0.96 -22.28 11.15
CA SER A 97 -0.85 -23.17 12.29
C SER A 97 -1.22 -22.27 13.46
N LYS A 98 -0.61 -21.06 13.53
CA LYS A 98 -1.24 -19.91 14.18
C LYS A 98 -2.55 -19.55 13.50
N THR A 99 -2.55 -19.54 12.17
CA THR A 99 -3.66 -18.92 11.47
C THR A 99 -4.90 -19.80 11.53
N LEU A 100 -4.73 -21.12 11.51
CA LEU A 100 -5.86 -22.00 11.75
C LEU A 100 -6.17 -22.15 13.22
N GLU A 101 -5.15 -22.11 14.09
CA GLU A 101 -5.40 -22.05 15.53
C GLU A 101 -6.18 -20.78 15.89
N THR A 102 -5.99 -19.70 15.14
CA THR A 102 -6.69 -18.46 15.43
C THR A 102 -8.15 -18.53 15.02
N CYS A 103 -8.44 -19.10 13.85
CA CYS A 103 -9.82 -19.37 13.46
C CYS A 103 -10.50 -20.26 14.48
N THR A 104 -9.91 -21.42 14.74
CA THR A 104 -10.47 -22.42 15.64
C THR A 104 -10.78 -21.86 17.03
N HIS A 105 -10.13 -20.75 17.41
CA HIS A 105 -10.30 -20.11 18.71
C HIS A 105 -11.46 -19.12 18.73
N HIS A 106 -11.53 -18.23 17.73
CA HIS A 106 -12.60 -17.24 17.69
C HIS A 106 -13.89 -17.83 17.13
N TRP A 107 -13.79 -18.63 16.07
CA TRP A 107 -14.94 -19.20 15.38
C TRP A 107 -14.67 -20.69 15.51
N PRO A 108 -15.20 -21.32 16.55
CA PRO A 108 -14.95 -22.74 16.78
C PRO A 108 -15.97 -23.48 15.93
N ASP A 109 -15.61 -24.58 15.29
CA ASP A 109 -16.55 -25.27 14.38
C ASP A 109 -17.20 -24.48 13.26
N LYS A 110 -16.32 -23.89 12.48
CA LYS A 110 -16.62 -22.94 11.42
C LYS A 110 -15.53 -23.16 10.40
N PRO A 111 -15.89 -23.25 9.15
CA PRO A 111 -15.10 -23.84 8.08
C PRO A 111 -14.16 -22.82 7.44
N VAL A 112 -12.88 -23.16 7.38
CA VAL A 112 -11.89 -22.25 6.81
C VAL A 112 -11.92 -22.41 5.30
N TYR A 113 -12.11 -21.30 4.60
CA TYR A 113 -11.91 -21.26 3.15
C TYR A 113 -10.58 -20.57 2.86
N LEU A 114 -9.87 -21.07 1.85
CA LEU A 114 -8.60 -20.50 1.44
C LEU A 114 -8.58 -20.37 -0.07
N GLY A 115 -8.47 -19.13 -0.55
CA GLY A 115 -8.28 -18.92 -1.97
C GLY A 115 -6.83 -19.21 -2.31
N ALA A 116 -6.58 -20.13 -3.22
CA ALA A 116 -5.18 -20.43 -3.49
C ALA A 116 -5.05 -20.56 -4.97
N GLN A 117 -4.00 -21.24 -5.42
CA GLN A 117 -3.78 -21.44 -6.85
C GLN A 117 -3.85 -22.91 -7.24
N ALA A 118 -2.71 -23.58 -7.24
CA ALA A 118 -2.65 -25.00 -7.59
C ALA A 118 -1.25 -25.57 -7.30
N HIS A 119 -0.23 -24.89 -7.82
CA HIS A 119 1.15 -25.33 -7.61
C HIS A 119 1.40 -25.71 -6.16
N LEU A 120 0.92 -24.88 -5.24
CA LEU A 120 1.09 -25.14 -3.82
C LEU A 120 -0.07 -25.97 -3.26
N GLN A 121 -0.90 -26.56 -4.14
CA GLN A 121 -2.00 -27.36 -3.64
C GLN A 121 -1.62 -28.35 -2.55
N ASN A 122 -0.62 -29.19 -2.80
CA ASN A 122 -0.22 -30.17 -1.80
C ASN A 122 0.23 -29.52 -0.50
N PHE A 123 0.78 -28.29 -0.57
CA PHE A 123 1.18 -27.61 0.67
C PHE A 123 -0.02 -27.38 1.57
N TYR A 124 -0.96 -26.54 1.13
CA TYR A 124 -2.17 -26.31 1.90
C TYR A 124 -2.90 -27.61 2.21
N GLN A 125 -2.85 -28.58 1.30
CA GLN A 125 -3.49 -29.87 1.53
C GLN A 125 -2.90 -30.59 2.73
N SER A 126 -1.66 -30.27 3.09
CA SER A 126 -1.00 -30.89 4.25
C SER A 126 -1.58 -30.44 5.58
N PHE A 127 -2.47 -29.45 5.58
CA PHE A 127 -3.07 -28.95 6.81
C PHE A 127 -4.55 -29.26 6.92
N GLY A 128 -5.14 -29.96 5.94
CA GLY A 128 -6.54 -30.33 5.97
C GLY A 128 -7.39 -29.71 4.88
N PHE A 129 -6.79 -28.91 4.00
CA PHE A 129 -7.56 -28.24 2.95
C PHE A 129 -7.85 -29.18 1.79
N ILE A 130 -9.00 -28.95 1.15
CA ILE A 130 -9.53 -29.83 0.12
C ILE A 130 -10.00 -29.01 -1.08
N PRO A 131 -9.68 -29.40 -2.31
CA PRO A 131 -10.22 -28.72 -3.49
C PRO A 131 -11.75 -28.67 -3.45
N VAL A 132 -12.29 -27.48 -3.77
CA VAL A 132 -13.72 -27.24 -3.77
C VAL A 132 -14.07 -26.67 -5.13
N THR A 133 -13.06 -26.22 -5.85
CA THR A 133 -13.20 -25.44 -7.06
C THR A 133 -12.60 -26.20 -8.25
N GLU A 134 -12.90 -25.75 -9.47
CA GLU A 134 -12.13 -26.12 -10.65
C GLU A 134 -11.05 -25.07 -10.94
N VAL A 135 -10.02 -25.45 -11.65
CA VAL A 135 -8.91 -24.51 -11.81
C VAL A 135 -9.30 -23.42 -12.80
N TYR A 136 -8.96 -22.18 -12.44
CA TYR A 136 -9.21 -21.00 -13.26
C TYR A 136 -8.09 -20.00 -13.00
N GLU A 137 -7.92 -19.09 -13.95
CA GLU A 137 -6.86 -18.07 -13.87
C GLU A 137 -7.36 -16.81 -13.19
N GLU A 138 -6.48 -16.18 -12.41
CA GLU A 138 -6.81 -14.97 -11.68
C GLU A 138 -5.49 -14.22 -11.69
N ASP A 139 -5.40 -13.16 -10.91
CA ASP A 139 -4.19 -12.39 -10.83
C ASP A 139 -3.74 -12.20 -9.39
N ILE A 141 -1.03 -18.06 -13.59
CA ILE A 141 -1.93 -17.79 -12.49
C ILE A 141 -3.09 -18.79 -12.38
N PRO A 142 -2.76 -20.04 -12.20
CA PRO A 142 -3.73 -21.10 -12.00
C PRO A 142 -4.26 -21.09 -10.61
N HIS A 143 -5.58 -21.10 -10.44
CA HIS A 143 -6.21 -21.00 -9.13
C HIS A 143 -7.10 -22.15 -8.70
N ILE A 144 -7.54 -22.10 -7.46
CA ILE A 144 -8.43 -23.09 -6.94
C ILE A 144 -8.79 -22.58 -5.57
N GLY A 145 -9.99 -22.93 -5.12
CA GLY A 145 -10.47 -22.55 -3.82
C GLY A 145 -10.63 -23.77 -2.94
N MET A 146 -9.82 -23.87 -1.90
CA MET A 146 -9.81 -25.04 -1.03
C MET A 146 -10.59 -24.73 0.24
N ALA A 147 -10.72 -25.72 1.10
CA ALA A 147 -11.53 -25.54 2.30
C ALA A 147 -11.16 -26.60 3.31
N ARG A 148 -11.31 -26.27 4.58
CA ARG A 148 -10.90 -27.10 5.68
C ARG A 148 -11.95 -27.19 6.76
N GLU A 149 -12.63 -28.35 6.80
CA GLU A 149 -13.54 -28.77 7.86
C GLU A 149 -14.98 -28.42 7.54
N MET B 1 -16.23 21.63 -1.90
CA MET B 1 -15.83 21.97 -0.55
C MET B 1 -14.90 20.90 0.02
N ILE B 2 -13.73 20.79 -0.60
CA ILE B 2 -12.73 19.81 -0.19
C ILE B 2 -11.98 20.35 1.01
N GLU B 3 -11.92 19.57 2.08
CA GLU B 3 -11.09 19.92 3.23
C GLU B 3 -9.69 19.37 3.00
N TRP B 4 -8.69 20.18 3.32
CA TRP B 4 -7.30 19.80 3.15
C TRP B 4 -6.65 19.59 4.52
N GLN B 5 -5.77 18.60 4.59
CA GLN B 5 -5.00 18.32 5.80
C GLN B 5 -3.53 18.27 5.44
N ASP B 6 -2.71 19.03 6.17
CA ASP B 6 -1.27 19.09 5.98
C ASP B 6 -0.65 18.35 7.15
N LEU B 7 -0.45 17.04 6.97
CA LEU B 7 -0.10 16.15 8.06
C LEU B 7 1.39 15.86 8.03
N HIS B 8 2.08 16.18 9.12
CA HIS B 8 3.34 15.51 9.39
C HIS B 8 3.05 14.03 9.58
N HIS B 9 4.01 13.18 9.22
CA HIS B 9 3.74 11.74 9.21
C HIS B 9 3.39 11.21 10.59
N SER B 10 3.81 11.91 11.65
CA SER B 10 3.50 11.46 13.01
C SER B 10 2.02 11.65 13.36
N GLU B 11 1.33 12.57 12.68
CA GLU B 11 -0.07 12.82 12.94
C GLU B 11 -1.00 11.86 12.21
N LEU B 12 -0.48 11.09 11.26
CA LEU B 12 -1.30 10.15 10.50
C LEU B 12 -1.90 9.10 11.42
N SER B 13 -3.22 8.98 11.40
CA SER B 13 -3.85 7.85 12.08
C SER B 13 -3.79 6.62 11.16
N VAL B 14 -4.28 5.50 11.68
CA VAL B 14 -4.23 4.26 10.91
C VAL B 14 -5.12 4.36 9.67
N SER B 15 -6.30 4.97 9.81
CA SER B 15 -7.21 5.09 8.67
C SER B 15 -6.75 6.16 7.68
N GLN B 16 -6.02 7.17 8.15
CA GLN B 16 -5.46 8.16 7.23
C GLN B 16 -4.35 7.56 6.39
N LEU B 17 -3.50 6.72 6.99
CA LEU B 17 -2.46 6.05 6.22
C LEU B 17 -3.06 5.07 5.23
N TYR B 18 -4.05 4.29 5.66
CA TYR B 18 -4.69 3.33 4.77
C TYR B 18 -5.28 4.01 3.54
N ALA B 19 -5.87 5.18 3.72
CA ALA B 19 -6.58 5.84 2.63
C ALA B 19 -5.62 6.34 1.54
N LEU B 20 -4.42 6.77 1.91
CA LEU B 20 -3.54 7.37 0.92
C LEU B 20 -2.68 6.35 0.19
N LEU B 21 -2.31 5.25 0.83
CA LEU B 21 -1.64 4.17 0.10
C LEU B 21 -2.62 3.46 -0.83
N GLN B 22 -3.86 3.29 -0.38
CA GLN B 22 -4.88 2.65 -1.21
C GLN B 22 -5.17 3.49 -2.45
N LEU B 23 -5.20 4.81 -2.30
CA LEU B 23 -5.38 5.70 -3.44
C LEU B 23 -4.12 5.78 -4.30
N ARG B 24 -2.95 5.73 -3.67
CA ARG B 24 -1.70 5.67 -4.44
C ARG B 24 -1.62 4.37 -5.23
N CYS B 25 -1.96 3.25 -4.59
CA CYS B 25 -2.01 1.97 -5.30
C CYS B 25 -2.99 2.04 -6.46
N ALA B 26 -4.17 2.61 -6.22
CA ALA B 26 -5.22 2.64 -7.24
C ALA B 26 -4.80 3.44 -8.47
N VAL B 27 -3.88 4.38 -8.31
CA VAL B 27 -3.51 5.27 -9.41
C VAL B 27 -2.17 4.93 -10.05
N PHE B 28 -1.14 4.70 -9.22
CA PHE B 28 0.20 4.53 -9.74
C PHE B 28 0.50 3.05 -9.98
N VAL B 29 -0.20 2.15 -9.32
CA VAL B 29 -0.02 0.72 -9.52
C VAL B 29 -1.07 0.14 -10.45
N VAL B 30 -2.35 0.33 -10.12
CA VAL B 30 -3.45 -0.32 -10.82
C VAL B 30 -3.82 0.30 -12.16
N GLU B 31 -4.12 1.59 -12.14
CA GLU B 31 -4.67 2.25 -13.33
C GLU B 31 -3.53 2.57 -14.28
N GLN B 32 -2.36 2.89 -13.75
CA GLN B 32 -1.19 3.19 -14.59
C GLN B 32 -0.40 1.94 -14.94
N ASN B 33 -0.90 0.75 -14.60
CA ASN B 33 -0.37 -0.52 -15.11
C ASN B 33 1.14 -0.64 -14.86
N CYS B 34 1.53 -0.46 -13.60
CA CYS B 34 2.95 -0.37 -13.24
C CYS B 34 3.21 -1.13 -11.94
N PRO B 35 3.51 -2.43 -12.02
CA PRO B 35 3.82 -3.19 -10.80
C PRO B 35 5.13 -2.60 -10.33
N TYR B 36 5.12 -1.95 -9.17
CA TYR B 36 6.32 -1.34 -8.61
C TYR B 36 6.08 -1.25 -7.11
N GLN B 37 7.10 -0.80 -6.38
CA GLN B 37 7.05 -0.72 -4.91
C GLN B 37 6.61 0.68 -4.51
N ASP B 38 5.29 0.88 -4.47
CA ASP B 38 4.74 2.18 -4.10
C ASP B 38 5.02 2.52 -2.64
N ILE B 39 5.09 1.51 -1.78
CA ILE B 39 5.27 1.69 -0.34
C ILE B 39 6.75 1.47 -0.06
N ASP B 40 7.51 2.57 -0.07
CA ASP B 40 8.97 2.51 -0.11
C ASP B 40 9.65 2.89 1.19
N GLY B 41 8.89 3.23 2.24
CA GLY B 41 9.50 3.63 3.50
C GLY B 41 9.49 5.13 3.73
N ASP B 42 9.68 5.90 2.65
CA ASP B 42 9.85 7.35 2.72
C ASP B 42 8.68 8.08 3.39
N ASP B 43 7.63 7.36 3.78
CA ASP B 43 6.44 8.02 4.30
C ASP B 43 6.47 8.32 5.80
N LEU B 44 7.11 7.46 6.60
CA LEU B 44 7.13 7.70 8.04
C LEU B 44 8.59 7.81 8.44
N THR B 45 9.22 8.94 8.14
CA THR B 45 10.59 9.17 8.56
C THR B 45 10.87 10.66 8.40
N GLY B 46 11.72 11.17 9.29
CA GLY B 46 12.21 12.54 9.22
C GLY B 46 11.18 13.61 9.44
N ASP B 47 11.27 14.69 8.66
CA ASP B 47 10.32 15.81 8.71
C ASP B 47 9.34 15.77 7.54
N ASN B 48 9.02 14.58 7.06
CA ASN B 48 8.23 14.42 5.85
C ASN B 48 6.74 14.54 6.16
N ARG B 49 6.03 15.23 5.28
CA ARG B 49 4.63 15.57 5.48
C ARG B 49 3.80 15.00 4.34
N HIS B 50 2.49 14.87 4.58
CA HIS B 50 1.54 14.43 3.58
C HIS B 50 0.36 15.40 3.53
N ILE B 51 -0.14 15.64 2.33
CA ILE B 51 -1.25 16.55 2.09
C ILE B 51 -2.37 15.75 1.44
N LEU B 52 -3.56 15.82 2.05
CA LEU B 52 -4.70 14.99 1.67
C LEU B 52 -5.88 15.89 1.35
N GLY B 53 -6.53 15.63 0.21
CA GLY B 53 -7.77 16.30 -0.12
C GLY B 53 -8.95 15.38 0.14
N TRP B 54 -9.85 15.77 1.03
CA TRP B 54 -10.98 14.94 1.42
C TRP B 54 -12.29 15.54 0.91
N LYS B 55 -13.12 14.70 0.29
CA LYS B 55 -14.46 15.07 -0.16
C LYS B 55 -15.43 14.10 0.49
N ASN B 56 -15.86 14.43 1.72
CA ASN B 56 -16.82 13.63 2.48
C ASN B 56 -16.44 12.21 2.87
N ASP B 57 -15.26 12.04 3.44
CA ASP B 57 -14.75 10.73 3.88
C ASP B 57 -14.31 9.99 2.62
N GLU B 58 -13.81 10.74 1.65
CA GLU B 58 -13.23 10.18 0.44
C GLU B 58 -11.97 10.95 0.11
N LEU B 59 -10.86 10.24 -0.09
CA LEU B 59 -9.57 10.85 -0.37
C LEU B 59 -9.44 11.03 -1.88
N VAL B 60 -9.55 12.28 -2.34
CA VAL B 60 -9.64 12.60 -3.76
C VAL B 60 -8.48 13.46 -4.23
N ALA B 61 -7.46 13.64 -3.40
CA ALA B 61 -6.28 14.42 -3.75
C ALA B 61 -5.19 14.15 -2.74
N TYR B 62 -3.94 14.08 -3.21
CA TYR B 62 -2.84 13.70 -2.33
C TYR B 62 -1.51 14.13 -2.94
N ALA B 63 -0.57 14.48 -2.06
CA ALA B 63 0.82 14.68 -2.43
C ALA B 63 1.66 14.55 -1.18
N ARG B 64 2.88 14.04 -1.34
CA ARG B 64 3.81 13.90 -0.22
C ARG B 64 5.06 14.73 -0.48
N ILE B 65 5.72 15.10 0.60
CA ILE B 65 6.84 16.03 0.59
C ILE B 65 8.01 15.38 1.32
N LEU B 66 9.13 15.21 0.63
CA LEU B 66 10.32 14.64 1.22
C LEU B 66 11.29 15.75 1.60
N LYS B 67 11.76 15.74 2.85
CA LYS B 67 12.78 16.65 3.34
C LYS B 67 13.97 15.76 3.72
N SER B 68 14.88 15.61 2.82
CA SER B 68 15.97 14.71 3.01
C SER B 68 17.16 15.01 2.12
N ASP B 69 18.17 14.16 2.11
CA ASP B 69 18.31 13.08 3.06
C ASP B 69 18.89 13.86 4.17
N ASP B 70 18.09 14.66 4.83
CA ASP B 70 18.59 15.49 5.90
C ASP B 70 19.92 16.12 5.47
N ASP B 71 20.06 16.41 4.18
CA ASP B 71 21.29 16.87 3.51
C ASP B 71 20.95 18.21 2.78
N LEU B 72 21.89 18.74 1.99
CA LEU B 72 21.69 20.04 1.33
C LEU B 72 20.57 20.11 0.27
N GLU B 73 20.35 19.02 -0.45
CA GLU B 73 19.46 18.94 -1.59
C GLU B 73 18.05 19.46 -1.30
N PRO B 74 17.25 19.83 -2.34
CA PRO B 74 15.95 20.46 -2.07
C PRO B 74 14.78 19.69 -1.50
N VAL B 75 13.67 20.41 -1.34
CA VAL B 75 12.39 19.79 -1.02
C VAL B 75 11.88 19.03 -2.24
N VAL B 76 11.43 17.80 -2.03
CA VAL B 76 10.92 16.95 -3.10
C VAL B 76 9.41 16.85 -2.96
N ILE B 77 8.70 17.09 -4.06
CA ILE B 77 7.26 16.83 -4.16
C ILE B 77 7.07 15.61 -5.04
N GLY B 78 6.16 14.73 -4.65
CA GLY B 78 5.89 13.54 -5.43
C GLY B 78 4.57 12.91 -5.04
N ARG B 79 4.20 11.88 -5.79
CA ARG B 79 2.94 11.12 -5.58
C ARG B 79 1.71 11.99 -5.81
N VAL B 80 1.81 12.96 -6.73
CA VAL B 80 0.75 13.95 -6.93
C VAL B 80 -0.45 13.27 -7.58
N ILE B 81 -1.60 13.32 -6.90
CA ILE B 81 -2.80 12.61 -7.34
C ILE B 81 -4.02 13.51 -7.25
N VAL B 82 -4.89 13.40 -8.25
CA VAL B 82 -6.30 13.71 -8.15
C VAL B 82 -7.07 12.46 -8.53
N SER B 83 -8.11 12.14 -7.76
CA SER B 83 -8.91 10.94 -8.05
C SER B 83 -9.69 11.15 -9.35
N GLU B 84 -9.75 10.08 -10.16
CA GLU B 84 -10.16 10.23 -11.57
C GLU B 84 -11.58 10.74 -11.71
N ALA B 85 -12.43 10.53 -10.70
CA ALA B 85 -13.79 11.05 -10.78
C ALA B 85 -13.82 12.58 -10.72
N LEU B 86 -12.74 13.21 -10.26
CA LEU B 86 -12.74 14.64 -9.95
C LEU B 86 -11.77 15.45 -10.80
N ARG B 87 -11.31 14.92 -11.94
CA ARG B 87 -10.26 15.61 -12.67
C ARG B 87 -10.81 16.51 -13.77
N GLY B 88 -9.94 17.42 -14.23
CA GLY B 88 -10.31 18.42 -15.21
C GLY B 88 -11.04 19.60 -14.63
N GLU B 89 -10.77 19.96 -13.38
CA GLU B 89 -11.65 20.89 -12.69
C GLU B 89 -11.08 21.65 -11.49
N LYS B 90 -9.81 22.06 -11.58
CA LYS B 90 -9.15 23.06 -10.73
C LYS B 90 -8.61 22.43 -9.45
N VAL B 91 -8.93 21.18 -9.12
CA VAL B 91 -8.48 20.61 -7.85
C VAL B 91 -6.98 20.34 -7.88
N GLY B 92 -6.45 19.91 -9.02
CA GLY B 92 -5.01 19.71 -9.12
C GLY B 92 -4.24 20.99 -8.88
N GLN B 93 -4.72 22.10 -9.45
CA GLN B 93 -4.12 23.39 -9.17
C GLN B 93 -4.24 23.76 -7.69
N GLN B 94 -5.29 23.30 -7.01
CA GLN B 94 -5.42 23.57 -5.59
C GLN B 94 -4.46 22.73 -4.76
N LEU B 95 -4.30 21.45 -5.12
CA LEU B 95 -3.37 20.59 -4.40
C LEU B 95 -1.94 21.13 -4.49
N MET B 96 -1.53 21.53 -5.69
CA MET B 96 -0.16 21.98 -5.91
C MET B 96 0.15 23.24 -5.10
N SER B 97 -0.70 24.25 -5.21
CA SER B 97 -0.43 25.53 -4.55
C SER B 97 -0.44 25.40 -3.03
N LYS B 98 -1.28 24.53 -2.48
CA LYS B 98 -1.27 24.32 -1.03
C LYS B 98 -0.05 23.53 -0.60
N THR B 99 0.46 22.64 -1.47
CA THR B 99 1.67 21.88 -1.17
C THR B 99 2.92 22.74 -1.28
N LEU B 100 2.91 23.73 -2.16
CA LEU B 100 4.02 24.68 -2.20
C LEU B 100 3.95 25.67 -1.04
N GLU B 101 2.73 26.06 -0.64
CA GLU B 101 2.57 26.86 0.58
C GLU B 101 3.10 26.09 1.80
N THR B 102 3.07 24.76 1.75
CA THR B 102 3.68 23.97 2.81
C THR B 102 5.20 23.93 2.67
N CYS B 103 5.70 23.72 1.45
CA CYS B 103 7.14 23.82 1.21
C CYS B 103 7.65 25.22 1.54
N THR B 104 6.93 26.25 1.09
CA THR B 104 7.30 27.63 1.40
C THR B 104 7.40 27.85 2.90
N HIS B 105 6.31 27.53 3.63
CA HIS B 105 6.26 27.78 5.06
C HIS B 105 7.37 27.02 5.78
N HIS B 106 7.37 25.68 5.67
CA HIS B 106 8.25 24.87 6.50
C HIS B 106 9.72 25.13 6.17
N TRP B 107 10.08 25.13 4.89
CA TRP B 107 11.47 25.32 4.46
C TRP B 107 11.56 26.43 3.43
N PRO B 108 11.41 27.69 3.84
CA PRO B 108 11.79 28.80 2.96
C PRO B 108 13.30 28.75 2.74
N ASP B 109 13.74 29.42 1.67
CA ASP B 109 15.15 29.41 1.28
C ASP B 109 15.63 28.01 0.95
N LYS B 110 14.75 27.22 0.34
CA LYS B 110 15.09 25.92 -0.24
C LYS B 110 14.19 25.75 -1.47
N PRO B 111 14.77 25.40 -2.61
CA PRO B 111 13.94 25.14 -3.79
C PRO B 111 13.19 23.82 -3.68
N VAL B 112 12.30 23.58 -4.63
CA VAL B 112 11.42 22.42 -4.62
C VAL B 112 11.68 21.62 -5.89
N TYR B 113 12.04 20.36 -5.74
CA TYR B 113 12.19 19.50 -6.88
C TYR B 113 10.94 18.65 -7.05
N LEU B 114 10.65 18.23 -8.27
CA LEU B 114 9.53 17.40 -8.51
C LEU B 114 9.70 16.52 -9.73
N GLY B 115 9.48 15.24 -9.56
CA GLY B 115 9.60 14.34 -10.67
C GLY B 115 8.27 14.30 -11.33
N ALA B 116 8.21 14.31 -12.64
CA ALA B 116 6.91 14.44 -13.27
C ALA B 116 6.87 13.59 -14.52
N GLN B 117 5.71 13.61 -15.17
CA GLN B 117 5.55 13.12 -16.53
C GLN B 117 5.97 14.20 -17.52
N ALA B 118 6.20 13.78 -18.76
CA ALA B 118 6.42 14.77 -19.80
C ALA B 118 5.14 15.51 -20.14
N HIS B 119 4.02 14.78 -20.26
CA HIS B 119 2.78 15.42 -20.70
C HIS B 119 2.23 16.37 -19.64
N LEU B 120 2.65 16.25 -18.39
CA LEU B 120 2.24 17.16 -17.33
C LEU B 120 3.14 18.38 -17.20
N GLN B 121 4.03 18.62 -18.18
CA GLN B 121 5.07 19.63 -18.00
C GLN B 121 4.51 21.04 -17.95
N ASN B 122 3.60 21.38 -18.87
CA ASN B 122 3.06 22.73 -18.94
C ASN B 122 2.22 23.08 -17.72
N PHE B 123 1.70 22.09 -17.01
CA PHE B 123 0.88 22.35 -15.82
C PHE B 123 1.75 22.66 -14.61
N TYR B 124 2.92 22.01 -14.51
CA TYR B 124 3.85 22.33 -13.43
C TYR B 124 4.64 23.59 -13.74
N GLN B 125 4.87 23.90 -15.01
CA GLN B 125 5.49 25.17 -15.37
C GLN B 125 4.61 26.37 -15.03
N SER B 126 3.30 26.15 -14.84
CA SER B 126 2.40 27.22 -14.41
C SER B 126 2.47 27.46 -12.91
N PHE B 127 3.28 26.70 -12.18
CA PHE B 127 3.50 26.91 -10.76
C PHE B 127 4.91 27.39 -10.44
N GLY B 128 5.73 27.64 -11.45
CA GLY B 128 7.09 28.13 -11.25
C GLY B 128 8.18 27.11 -11.48
N PHE B 129 7.83 25.89 -11.88
CA PHE B 129 8.83 24.88 -12.18
C PHE B 129 9.40 25.09 -13.58
N ILE B 130 10.66 24.71 -13.75
CA ILE B 130 11.26 24.64 -15.07
C ILE B 130 12.01 23.30 -15.17
N PRO B 131 12.03 22.68 -16.35
CA PRO B 131 12.83 21.47 -16.54
C PRO B 131 14.29 21.68 -16.11
N VAL B 132 14.78 20.75 -15.30
CA VAL B 132 16.19 20.69 -14.92
C VAL B 132 16.82 19.38 -15.37
N THR B 133 16.31 18.80 -16.44
CA THR B 133 16.59 17.40 -16.76
C THR B 133 16.30 17.20 -18.25
N GLU B 134 16.89 16.14 -18.81
CA GLU B 134 16.56 15.66 -20.15
C GLU B 134 15.34 14.71 -20.09
N VAL B 135 14.58 14.68 -21.17
CA VAL B 135 13.44 13.77 -21.23
C VAL B 135 13.94 12.34 -21.19
N TYR B 136 13.44 11.56 -20.24
CA TYR B 136 13.74 10.14 -20.16
C TYR B 136 12.49 9.40 -19.69
N GLU B 137 12.64 8.09 -19.47
CA GLU B 137 11.54 7.15 -19.53
C GLU B 137 11.42 6.35 -18.24
N GLU B 138 10.18 6.18 -17.79
CA GLU B 138 9.83 5.16 -16.80
C GLU B 138 8.67 4.31 -17.26
N ASP B 139 7.88 4.78 -18.23
CA ASP B 139 6.86 4.04 -18.96
C ASP B 139 6.69 4.86 -20.23
N GLY B 140 6.20 4.25 -21.30
CA GLY B 140 6.08 4.92 -22.59
C GLY B 140 4.70 5.56 -22.62
N PRO B 142 7.63 8.85 -20.44
CA PRO B 142 8.40 10.10 -20.55
C PRO B 142 8.37 10.95 -19.29
N HIS B 143 9.54 11.18 -18.71
CA HIS B 143 9.70 11.97 -17.50
C HIS B 143 10.65 13.13 -17.74
N ILE B 144 10.43 14.21 -16.99
CA ILE B 144 11.37 15.32 -16.91
C ILE B 144 11.50 15.71 -15.45
N GLY B 145 12.72 15.99 -15.02
CA GLY B 145 12.94 16.53 -13.69
C GLY B 145 12.73 18.04 -13.71
N MET B 146 12.02 18.53 -12.70
CA MET B 146 11.65 19.93 -12.63
C MET B 146 11.91 20.45 -11.22
N ALA B 147 12.12 21.76 -11.12
CA ALA B 147 12.37 22.38 -9.83
C ALA B 147 11.89 23.82 -9.87
N ARG B 148 11.48 24.33 -8.70
CA ARG B 148 10.97 25.68 -8.55
C ARG B 148 11.92 26.50 -7.71
N GLU B 149 12.09 27.77 -8.08
CA GLU B 149 12.74 28.75 -7.22
C GLU B 149 14.14 28.34 -6.79
#